data_6VH6
#
_entry.id   6VH6
#
_cell.length_a   59.516
_cell.length_b   68.344
_cell.length_c   69.687
_cell.angle_alpha   90.000
_cell.angle_beta   90.000
_cell.angle_gamma   90.000
#
_symmetry.space_group_name_H-M   'P 21 21 21'
#
loop_
_entity.id
_entity.type
_entity.pdbx_description
1 polymer 'Epstein-Barr nuclear antigen 1'
2 non-polymer 4-hydroxy-6-methyl-2H-1-benzopyran-2-one
3 water water
#
_entity_poly.entity_id   1
_entity_poly.type   'polypeptide(L)'
_entity_poly.pdbx_seq_one_letter_code
;GSHMGQGGSNPKFENIAEGLRALLARSHVERTTDEGTWVAGVFVYGGSKTSLYNLRRGTALAIPQCRLTPLSRLPFGMAP
GPGPQPGPLRESIVCYFMVFLQTHIFAEVLKDAIKDLVMTKPAPTCNIRVTVCSFDDGVDLP
;
_entity_poly.pdbx_strand_id   A,B
#
# COMPACT_ATOMS: atom_id res chain seq x y z
N SER A 2 -17.33 8.90 29.11
CA SER A 2 -16.74 9.26 27.82
C SER A 2 -17.57 10.35 27.15
N HIS A 3 -16.97 11.05 26.18
CA HIS A 3 -17.67 12.15 25.53
C HIS A 3 -18.82 11.64 24.67
N MET A 4 -19.90 12.41 24.64
CA MET A 4 -21.09 12.09 23.85
C MET A 4 -21.50 13.32 23.06
N GLY A 5 -21.65 13.15 21.76
CA GLY A 5 -22.09 14.23 20.90
C GLY A 5 -23.57 14.57 21.09
N GLN A 6 -24.00 15.58 20.34
CA GLN A 6 -25.36 16.08 20.44
C GLN A 6 -26.35 14.96 20.18
N GLY A 7 -27.32 14.83 21.06
CA GLY A 7 -28.31 13.81 20.87
C GLY A 7 -27.90 12.42 21.28
N GLY A 8 -26.73 12.25 21.91
CA GLY A 8 -26.41 10.97 22.51
C GLY A 8 -25.70 9.99 21.60
N SER A 9 -25.03 10.48 20.57
N SER A 9 -25.01 10.48 20.58
CA SER A 9 -24.30 9.59 19.68
CA SER A 9 -24.31 9.61 19.65
C SER A 9 -23.07 10.32 19.17
C SER A 9 -23.07 10.33 19.15
N ASN A 10 -22.09 9.54 18.73
CA ASN A 10 -20.90 10.06 18.07
C ASN A 10 -20.83 9.54 16.65
N PRO A 11 -20.08 10.22 15.77
CA PRO A 11 -19.84 9.68 14.43
C PRO A 11 -19.09 8.36 14.49
N LYS A 12 -19.31 7.53 13.47
CA LYS A 12 -18.70 6.21 13.47
C LYS A 12 -17.18 6.33 13.55
N PHE A 13 -16.57 7.31 12.87
CA PHE A 13 -15.12 7.38 12.89
C PHE A 13 -14.59 7.74 14.27
N GLU A 14 -15.36 8.48 15.06
N GLU A 14 -15.36 8.51 15.04
CA GLU A 14 -14.92 8.80 16.42
CA GLU A 14 -14.98 8.82 16.40
C GLU A 14 -15.03 7.58 17.31
C GLU A 14 -15.04 7.60 17.30
N ASN A 15 -16.07 6.77 17.12
CA ASN A 15 -16.19 5.55 17.89
C ASN A 15 -15.10 4.54 17.51
N ILE A 16 -14.70 4.49 16.24
CA ILE A 16 -13.56 3.67 15.86
C ILE A 16 -12.31 4.14 16.58
N ALA A 17 -12.08 5.46 16.58
CA ALA A 17 -10.87 5.97 17.24
C ALA A 17 -10.84 5.55 18.70
N GLU A 18 -11.98 5.67 19.39
CA GLU A 18 -12.02 5.30 20.80
C GLU A 18 -11.78 3.82 20.98
N GLY A 19 -12.36 3.00 20.11
CA GLY A 19 -12.17 1.56 20.20
C GLY A 19 -10.72 1.18 19.98
N LEU A 20 -10.09 1.82 19.00
CA LEU A 20 -8.68 1.54 18.74
C LEU A 20 -7.82 1.98 19.92
N ARG A 21 -8.10 3.16 20.48
CA ARG A 21 -7.34 3.62 21.63
C ARG A 21 -7.41 2.62 22.77
N ALA A 22 -8.60 2.09 23.04
CA ALA A 22 -8.75 1.14 24.13
C ALA A 22 -7.94 -0.12 23.87
N LEU A 23 -8.00 -0.66 22.66
CA LEU A 23 -7.26 -1.88 22.35
C LEU A 23 -5.76 -1.64 22.37
N LEU A 24 -5.32 -0.52 21.81
CA LEU A 24 -3.88 -0.25 21.74
C LEU A 24 -3.31 0.01 23.11
N ALA A 25 -4.13 0.50 24.06
CA ALA A 25 -3.62 0.80 25.38
C ALA A 25 -3.14 -0.44 26.10
N ARG A 26 -3.54 -1.61 25.63
CA ARG A 26 -3.11 -2.86 26.24
C ARG A 26 -1.69 -3.23 25.88
N SER A 27 -1.09 -2.60 24.88
CA SER A 27 0.22 -2.99 24.35
C SER A 27 1.16 -1.80 24.35
N HIS A 28 2.13 -1.81 25.25
CA HIS A 28 3.07 -0.70 25.42
C HIS A 28 4.32 -0.95 24.56
N VAL A 29 4.15 -0.96 23.26
CA VAL A 29 5.23 -1.27 22.35
C VAL A 29 5.75 0.00 21.71
N GLU A 30 6.97 -0.06 21.20
CA GLU A 30 7.54 1.09 20.51
C GLU A 30 6.77 1.40 19.24
N ARG A 31 6.48 2.68 19.02
CA ARG A 31 5.82 3.14 17.82
C ARG A 31 6.77 3.91 16.91
N THR A 32 7.91 4.34 17.42
CA THR A 32 8.86 5.12 16.66
C THR A 32 10.26 4.60 16.92
N THR A 33 11.19 5.00 16.06
CA THR A 33 12.61 4.69 16.20
C THR A 33 13.40 5.97 16.03
N ASP A 34 14.65 5.93 16.49
CA ASP A 34 15.54 7.07 16.28
C ASP A 34 15.77 7.32 14.80
N GLU A 35 15.86 6.24 14.01
CA GLU A 35 16.12 6.38 12.60
C GLU A 35 14.93 7.01 11.88
N GLY A 36 13.72 6.80 12.39
CA GLY A 36 12.54 7.44 11.85
C GLY A 36 12.11 6.90 10.52
N THR A 37 12.52 5.70 10.17
CA THR A 37 12.23 5.14 8.86
C THR A 37 10.91 4.36 8.87
N TRP A 38 10.27 4.33 7.71
CA TRP A 38 8.94 3.75 7.53
C TRP A 38 9.16 2.36 6.94
N VAL A 39 9.30 1.38 7.82
CA VAL A 39 9.73 0.04 7.42
C VAL A 39 8.62 -0.97 7.49
N ALA A 40 7.48 -0.63 8.08
CA ALA A 40 6.40 -1.57 8.30
C ALA A 40 5.09 -0.91 7.91
N GLY A 41 4.04 -1.71 7.87
CA GLY A 41 2.75 -1.17 7.59
C GLY A 41 1.65 -2.16 7.86
N VAL A 42 0.43 -1.67 7.64
N VAL A 42 0.42 -1.68 7.74
CA VAL A 42 -0.78 -2.46 7.66
CA VAL A 42 -0.76 -2.56 7.67
C VAL A 42 -1.48 -2.16 6.34
C VAL A 42 -1.57 -2.19 6.44
N PHE A 43 -1.96 -3.22 5.70
CA PHE A 43 -2.68 -3.12 4.45
C PHE A 43 -4.12 -3.55 4.75
N VAL A 44 -5.07 -2.63 4.53
CA VAL A 44 -6.44 -2.77 5.02
C VAL A 44 -7.35 -2.72 3.79
N TYR A 45 -8.26 -3.70 3.67
CA TYR A 45 -9.02 -3.79 2.44
C TYR A 45 -10.38 -4.45 2.67
N GLY A 46 -11.24 -4.32 1.68
CA GLY A 46 -12.52 -4.98 1.72
C GLY A 46 -13.53 -4.18 2.51
N GLY A 47 -14.57 -4.88 2.96
CA GLY A 47 -15.68 -4.22 3.59
C GLY A 47 -16.56 -3.50 2.58
N SER A 48 -16.42 -2.18 2.57
CA SER A 48 -17.10 -1.29 1.65
C SER A 48 -16.31 0.01 1.69
N LYS A 49 -16.52 0.85 0.70
CA LYS A 49 -15.81 2.12 0.69
C LYS A 49 -16.11 2.94 1.95
N THR A 50 -17.38 3.00 2.35
CA THR A 50 -17.77 3.80 3.50
C THR A 50 -17.17 3.22 4.78
N SER A 51 -17.17 1.89 4.92
N SER A 51 -17.14 1.90 4.91
CA SER A 51 -16.61 1.28 6.11
CA SER A 51 -16.60 1.35 6.16
C SER A 51 -15.12 1.58 6.22
C SER A 51 -15.10 1.55 6.24
N LEU A 52 -14.40 1.43 5.12
CA LEU A 52 -12.98 1.72 5.12
C LEU A 52 -12.72 3.20 5.35
N TYR A 53 -13.56 4.07 4.80
CA TYR A 53 -13.43 5.50 5.03
C TYR A 53 -13.48 5.81 6.53
N ASN A 54 -14.45 5.21 7.23
CA ASN A 54 -14.58 5.45 8.66
C ASN A 54 -13.40 4.88 9.43
N LEU A 55 -12.92 3.71 9.03
CA LEU A 55 -11.77 3.11 9.71
C LEU A 55 -10.52 3.95 9.49
N ARG A 56 -10.31 4.43 8.27
CA ARG A 56 -9.16 5.25 7.98
C ARG A 56 -9.18 6.52 8.80
N ARG A 57 -10.32 7.21 8.83
N ARG A 57 -10.32 7.19 8.86
CA ARG A 57 -10.42 8.43 9.61
CA ARG A 57 -10.43 8.44 9.60
C ARG A 57 -10.18 8.16 11.09
C ARG A 57 -10.25 8.19 11.09
N GLY A 58 -10.74 7.07 11.61
CA GLY A 58 -10.59 6.78 13.02
C GLY A 58 -9.18 6.37 13.38
N THR A 59 -8.50 5.67 12.47
CA THR A 59 -7.11 5.28 12.72
C THR A 59 -6.23 6.52 12.83
N ALA A 60 -6.43 7.49 11.93
CA ALA A 60 -5.68 8.72 11.98
C ALA A 60 -5.90 9.46 13.30
N LEU A 61 -7.14 9.51 13.76
CA LEU A 61 -7.44 10.21 15.00
C LEU A 61 -6.82 9.51 16.20
N ALA A 62 -6.75 8.18 16.16
CA ALA A 62 -6.22 7.42 17.28
C ALA A 62 -4.70 7.37 17.32
N ILE A 63 -4.02 7.49 16.18
CA ILE A 63 -2.60 7.17 16.09
C ILE A 63 -1.85 8.28 15.37
N PRO A 64 -1.32 9.27 16.09
CA PRO A 64 -0.59 10.34 15.42
C PRO A 64 0.73 9.87 14.83
N GLN A 65 1.24 8.74 15.29
CA GLN A 65 2.54 8.23 14.88
C GLN A 65 2.53 7.50 13.55
N CYS A 66 1.38 7.32 12.93
CA CYS A 66 1.28 6.63 11.66
C CYS A 66 1.03 7.62 10.54
N ARG A 67 1.10 7.11 9.31
CA ARG A 67 0.79 7.88 8.11
C ARG A 67 -0.06 7.00 7.22
N LEU A 68 -1.03 7.58 6.53
CA LEU A 68 -2.01 6.79 5.80
C LEU A 68 -2.07 7.21 4.34
N THR A 69 -2.26 6.26 3.45
CA THR A 69 -2.61 6.61 2.08
C THR A 69 -4.09 6.97 2.00
N PRO A 70 -4.50 7.61 0.91
CA PRO A 70 -5.93 7.67 0.58
C PRO A 70 -6.51 6.29 0.36
N LEU A 71 -7.84 6.26 0.31
CA LEU A 71 -8.53 5.09 -0.23
C LEU A 71 -8.22 4.93 -1.71
N SER A 72 -8.06 3.69 -2.14
CA SER A 72 -7.88 3.37 -3.55
C SER A 72 -8.55 2.02 -3.80
N ARG A 73 -8.28 1.44 -4.98
CA ARG A 73 -8.96 0.20 -5.39
C ARG A 73 -7.94 -0.90 -5.67
N LEU A 74 -8.37 -2.10 -5.42
CA LEU A 74 -7.56 -3.26 -5.70
C LEU A 74 -7.78 -3.79 -7.12
N PRO A 75 -6.74 -4.36 -7.72
CA PRO A 75 -6.91 -5.16 -8.92
C PRO A 75 -7.50 -6.52 -8.56
N PHE A 76 -7.87 -7.27 -9.60
CA PHE A 76 -8.37 -8.61 -9.39
C PHE A 76 -7.23 -9.61 -9.16
N GLY A 77 -7.59 -10.77 -8.62
CA GLY A 77 -6.67 -11.88 -8.49
C GLY A 77 -6.68 -12.74 -9.74
N MET A 78 -7.01 -14.01 -9.57
CA MET A 78 -7.11 -14.93 -10.70
C MET A 78 -8.29 -14.50 -11.57
N ALA A 79 -8.12 -14.61 -12.89
CA ALA A 79 -9.17 -14.35 -13.87
C ALA A 79 -9.79 -12.96 -13.73
N PRO A 80 -9.06 -11.91 -14.08
CA PRO A 80 -9.63 -10.56 -13.94
C PRO A 80 -10.90 -10.38 -14.77
N GLY A 81 -11.74 -9.44 -14.33
CA GLY A 81 -12.93 -9.07 -15.07
C GLY A 81 -12.58 -8.45 -16.41
N PRO A 82 -13.59 -8.21 -17.25
CA PRO A 82 -13.32 -7.70 -18.60
C PRO A 82 -12.83 -6.26 -18.60
N GLY A 83 -12.21 -5.88 -19.72
CA GLY A 83 -11.74 -4.53 -19.89
C GLY A 83 -10.85 -4.38 -21.10
N PRO A 84 -10.76 -3.14 -21.63
CA PRO A 84 -9.89 -2.92 -22.78
C PRO A 84 -8.40 -2.97 -22.45
N GLN A 85 -8.03 -2.80 -21.19
CA GLN A 85 -6.65 -2.68 -20.78
C GLN A 85 -6.09 -4.05 -20.37
N PRO A 86 -4.76 -4.18 -20.31
CA PRO A 86 -4.18 -5.44 -19.87
C PRO A 86 -4.70 -5.88 -18.50
N GLY A 87 -4.87 -7.19 -18.36
CA GLY A 87 -5.37 -7.79 -17.14
C GLY A 87 -4.81 -7.24 -15.84
N PRO A 88 -3.49 -7.07 -15.75
CA PRO A 88 -2.90 -6.59 -14.49
C PRO A 88 -3.42 -5.25 -14.01
N LEU A 89 -3.92 -4.42 -14.92
CA LEU A 89 -4.36 -3.07 -14.59
C LEU A 89 -5.83 -2.98 -14.21
N ARG A 90 -6.61 -4.02 -14.47
CA ARG A 90 -8.06 -3.88 -14.31
C ARG A 90 -8.44 -3.75 -12.84
N GLU A 91 -9.33 -2.80 -12.57
CA GLU A 91 -9.70 -2.45 -11.20
C GLU A 91 -11.00 -3.14 -10.79
N SER A 92 -10.96 -3.77 -9.62
CA SER A 92 -12.16 -4.25 -8.97
C SER A 92 -12.86 -3.09 -8.27
N ILE A 93 -14.01 -3.38 -7.63
CA ILE A 93 -14.71 -2.41 -6.83
C ILE A 93 -14.30 -2.47 -5.36
N VAL A 94 -13.38 -3.36 -5.00
CA VAL A 94 -12.92 -3.51 -3.62
C VAL A 94 -11.87 -2.45 -3.33
N CYS A 95 -12.00 -1.79 -2.21
CA CYS A 95 -11.13 -0.68 -1.86
C CYS A 95 -10.09 -1.11 -0.83
N TYR A 96 -9.05 -0.27 -0.68
CA TYR A 96 -7.99 -0.50 0.30
C TYR A 96 -7.38 0.83 0.73
N PHE A 97 -6.66 0.78 1.86
CA PHE A 97 -5.70 1.81 2.19
C PHE A 97 -4.54 1.16 2.91
N MET A 98 -3.42 1.88 2.99
N MET A 98 -3.46 1.92 3.02
CA MET A 98 -2.23 1.39 3.70
CA MET A 98 -2.26 1.49 3.72
C MET A 98 -1.82 2.37 4.79
C MET A 98 -1.96 2.42 4.88
N VAL A 99 -1.43 1.83 5.94
CA VAL A 99 -0.86 2.56 7.07
C VAL A 99 0.64 2.28 7.06
N PHE A 100 1.44 3.33 7.12
CA PHE A 100 2.89 3.21 7.25
C PHE A 100 3.27 3.42 8.72
N LEU A 101 4.17 2.57 9.22
N LEU A 101 4.22 2.62 9.20
CA LEU A 101 4.63 2.58 10.61
CA LEU A 101 4.65 2.61 10.59
C LEU A 101 6.14 2.50 10.68
C LEU A 101 6.15 2.45 10.69
N GLN A 102 6.70 2.93 11.80
CA GLN A 102 8.13 2.88 12.01
C GLN A 102 8.62 1.61 12.69
N THR A 103 7.73 0.79 13.25
CA THR A 103 8.16 -0.45 13.89
C THR A 103 7.30 -1.62 13.45
N HIS A 104 7.96 -2.78 13.34
CA HIS A 104 7.25 -4.00 12.98
C HIS A 104 6.31 -4.43 14.09
N ILE A 105 6.71 -4.27 15.36
CA ILE A 105 5.82 -4.70 16.44
C ILE A 105 4.56 -3.87 16.47
N PHE A 106 4.66 -2.57 16.24
CA PHE A 106 3.44 -1.76 16.27
C PHE A 106 2.52 -2.10 15.10
N ALA A 107 3.08 -2.46 13.93
CA ALA A 107 2.23 -2.92 12.85
C ALA A 107 1.47 -4.17 13.27
N GLU A 108 2.12 -5.10 13.97
CA GLU A 108 1.42 -6.29 14.44
C GLU A 108 0.31 -5.93 15.42
N VAL A 109 0.60 -5.04 16.37
CA VAL A 109 -0.39 -4.64 17.36
C VAL A 109 -1.58 -3.96 16.69
N LEU A 110 -1.31 -3.09 15.72
CA LEU A 110 -2.41 -2.41 15.02
C LEU A 110 -3.23 -3.38 14.19
N LYS A 111 -2.59 -4.31 13.48
CA LYS A 111 -3.31 -5.34 12.75
C LYS A 111 -4.27 -6.08 13.67
N ASP A 112 -3.78 -6.53 14.81
CA ASP A 112 -4.63 -7.26 15.74
C ASP A 112 -5.76 -6.38 16.27
N ALA A 113 -5.48 -5.11 16.54
CA ALA A 113 -6.52 -4.20 17.03
C ALA A 113 -7.60 -3.99 16.00
N ILE A 114 -7.22 -3.78 14.74
CA ILE A 114 -8.24 -3.61 13.70
C ILE A 114 -9.07 -4.87 13.59
N LYS A 115 -8.44 -6.05 13.59
CA LYS A 115 -9.21 -7.27 13.47
C LYS A 115 -10.20 -7.39 14.61
N ASP A 116 -9.74 -7.14 15.85
CA ASP A 116 -10.62 -7.26 17.00
C ASP A 116 -11.74 -6.27 16.94
N LEU A 117 -11.46 -5.05 16.50
CA LEU A 117 -12.48 -4.00 16.49
C LEU A 117 -13.55 -4.28 15.43
N VAL A 118 -13.14 -4.60 14.20
CA VAL A 118 -14.15 -4.75 13.16
C VAL A 118 -15.03 -5.95 13.41
N MET A 119 -14.55 -6.95 14.14
CA MET A 119 -15.39 -8.09 14.46
C MET A 119 -16.59 -7.72 15.33
N THR A 120 -16.53 -6.58 16.03
CA THR A 120 -17.63 -6.12 16.87
C THR A 120 -18.63 -5.26 16.11
N LYS A 121 -18.39 -5.00 14.83
CA LYS A 121 -19.26 -4.11 14.06
C LYS A 121 -20.11 -4.92 13.09
N PRO A 122 -21.27 -4.39 12.67
CA PRO A 122 -22.09 -5.12 11.70
C PRO A 122 -21.43 -5.11 10.33
N ALA A 123 -21.92 -6.03 9.47
CA ALA A 123 -21.51 -6.01 8.08
C ALA A 123 -21.95 -4.69 7.46
N PRO A 124 -21.17 -4.13 6.53
CA PRO A 124 -19.97 -4.75 5.94
C PRO A 124 -18.64 -4.49 6.66
N THR A 125 -18.65 -3.69 7.73
CA THR A 125 -17.42 -3.36 8.43
C THR A 125 -16.71 -4.61 8.92
N CYS A 126 -17.46 -5.61 9.37
CA CYS A 126 -16.82 -6.81 9.89
C CYS A 126 -16.13 -7.63 8.80
N ASN A 127 -16.35 -7.30 7.53
CA ASN A 127 -15.71 -7.98 6.41
C ASN A 127 -14.39 -7.33 6.01
N ILE A 128 -13.99 -6.25 6.68
CA ILE A 128 -12.68 -5.67 6.43
C ILE A 128 -11.59 -6.68 6.76
N ARG A 129 -10.56 -6.71 5.92
N ARG A 129 -10.57 -6.74 5.91
CA ARG A 129 -9.42 -7.59 6.05
CA ARG A 129 -9.45 -7.66 6.07
C ARG A 129 -8.17 -6.74 6.31
C ARG A 129 -8.16 -6.85 6.21
N VAL A 130 -7.20 -7.34 7.00
N VAL A 130 -7.21 -7.41 6.94
CA VAL A 130 -5.96 -6.61 7.26
CA VAL A 130 -5.98 -6.71 7.27
C VAL A 130 -4.79 -7.58 7.33
C VAL A 130 -4.80 -7.69 7.21
N THR A 131 -3.67 -7.19 6.72
CA THR A 131 -2.39 -7.87 6.91
C THR A 131 -1.30 -6.86 7.22
N VAL A 132 -0.35 -7.30 8.03
CA VAL A 132 0.90 -6.58 8.18
C VAL A 132 1.67 -6.67 6.87
N CYS A 133 2.40 -5.61 6.59
CA CYS A 133 3.37 -5.63 5.51
C CYS A 133 4.71 -5.09 6.00
N SER A 134 5.74 -5.37 5.19
N SER A 134 5.76 -5.45 5.26
CA SER A 134 7.12 -5.01 5.51
CA SER A 134 7.08 -4.93 5.51
C SER A 134 7.79 -4.51 4.24
C SER A 134 7.59 -4.36 4.19
N PHE A 135 8.44 -3.35 4.33
CA PHE A 135 9.16 -2.72 3.24
C PHE A 135 10.66 -2.93 3.41
N ASP A 136 11.27 -3.70 2.50
CA ASP A 136 12.66 -4.12 2.70
C ASP A 136 13.59 -2.93 2.85
N ASP A 137 13.41 -1.89 2.03
CA ASP A 137 14.28 -0.72 2.05
C ASP A 137 13.61 0.48 2.68
N GLY A 138 12.48 0.28 3.36
CA GLY A 138 11.66 1.36 3.83
C GLY A 138 11.01 2.11 2.67
N VAL A 139 10.16 3.06 3.04
CA VAL A 139 9.56 4.00 2.10
C VAL A 139 9.94 5.42 2.55
N ASP A 140 10.57 6.17 1.66
CA ASP A 140 11.04 7.50 1.97
C ASP A 140 9.89 8.48 1.76
N LEU A 141 9.03 8.57 2.78
CA LEU A 141 7.88 9.47 2.68
C LEU A 141 8.33 10.93 2.70
N PRO A 142 7.69 11.81 1.92
CA PRO A 142 8.20 13.18 1.70
C PRO A 142 7.97 14.21 2.83
N SER B 9 0.10 0.21 -30.79
CA SER B 9 -0.57 1.49 -30.95
C SER B 9 -0.23 2.46 -29.82
N ASN B 10 0.42 1.96 -28.77
CA ASN B 10 0.96 2.80 -27.68
C ASN B 10 2.46 2.58 -27.62
N PRO B 11 3.23 3.16 -28.55
CA PRO B 11 4.68 2.90 -28.56
C PRO B 11 5.36 3.28 -27.26
N LYS B 12 4.91 4.34 -26.60
CA LYS B 12 5.55 4.72 -25.34
C LYS B 12 5.45 3.60 -24.30
N PHE B 13 4.25 3.07 -24.06
CA PHE B 13 4.12 1.97 -23.08
C PHE B 13 4.85 0.72 -23.55
N GLU B 14 4.78 0.40 -24.85
CA GLU B 14 5.43 -0.81 -25.35
C GLU B 14 6.95 -0.70 -25.25
N ASN B 15 7.49 0.50 -25.44
CA ASN B 15 8.94 0.66 -25.38
C ASN B 15 9.42 0.53 -23.95
N ILE B 16 8.65 1.00 -22.97
CA ILE B 16 8.98 0.74 -21.57
C ILE B 16 8.88 -0.75 -21.28
N ALA B 17 7.82 -1.39 -21.75
CA ALA B 17 7.68 -2.83 -21.55
C ALA B 17 8.88 -3.57 -22.12
N GLU B 18 9.36 -3.16 -23.29
CA GLU B 18 10.50 -3.83 -23.91
C GLU B 18 11.75 -3.65 -23.06
N GLY B 19 11.96 -2.44 -22.54
CA GLY B 19 13.11 -2.21 -21.67
C GLY B 19 13.06 -3.08 -20.46
N LEU B 20 11.88 -3.23 -19.85
N LEU B 20 11.88 -3.24 -19.86
CA LEU B 20 11.73 -4.11 -18.71
CA LEU B 20 11.74 -4.11 -18.70
C LEU B 20 11.95 -5.56 -19.10
C LEU B 20 11.93 -5.57 -19.07
N ARG B 21 11.31 -6.02 -20.17
CA ARG B 21 11.45 -7.41 -20.59
C ARG B 21 12.91 -7.79 -20.81
N ALA B 22 13.70 -6.90 -21.42
CA ALA B 22 15.10 -7.23 -21.68
C ALA B 22 15.87 -7.47 -20.39
N LEU B 23 15.59 -6.67 -19.36
CA LEU B 23 16.22 -6.87 -18.07
C LEU B 23 15.70 -8.14 -17.40
N LEU B 24 14.39 -8.34 -17.41
CA LEU B 24 13.80 -9.52 -16.79
C LEU B 24 14.18 -10.82 -17.50
N ALA B 25 14.51 -10.76 -18.80
CA ALA B 25 14.83 -11.99 -19.54
C ALA B 25 16.15 -12.60 -19.09
N ARG B 26 16.96 -11.86 -18.35
CA ARG B 26 18.26 -12.32 -17.91
C ARG B 26 18.20 -13.15 -16.64
N SER B 27 17.01 -13.31 -16.06
CA SER B 27 16.79 -14.19 -14.93
C SER B 27 15.65 -15.13 -15.27
N HIS B 28 15.56 -16.22 -14.53
CA HIS B 28 14.61 -17.27 -14.85
C HIS B 28 13.91 -17.78 -13.59
N VAL B 29 13.61 -16.88 -12.67
CA VAL B 29 12.97 -17.30 -11.42
C VAL B 29 11.47 -17.42 -11.61
N GLU B 30 10.85 -18.25 -10.79
CA GLU B 30 9.42 -18.49 -10.93
C GLU B 30 8.63 -17.25 -10.54
N ARG B 31 7.58 -16.98 -11.32
CA ARG B 31 6.71 -15.83 -11.11
C ARG B 31 5.37 -16.20 -10.49
N THR B 32 5.01 -17.48 -10.49
CA THR B 32 3.74 -17.95 -9.96
C THR B 32 3.98 -19.16 -9.06
N THR B 33 2.97 -19.48 -8.26
CA THR B 33 2.99 -20.67 -7.43
C THR B 33 1.68 -21.45 -7.62
N ASP B 34 1.70 -22.72 -7.25
CA ASP B 34 0.47 -23.50 -7.26
C ASP B 34 -0.55 -22.94 -6.29
N GLU B 35 -0.10 -22.34 -5.18
CA GLU B 35 -1.02 -21.73 -4.23
C GLU B 35 -1.72 -20.51 -4.82
N GLY B 36 -1.02 -19.75 -5.65
CA GLY B 36 -1.58 -18.59 -6.32
C GLY B 36 -1.79 -17.39 -5.46
N THR B 37 -1.22 -17.35 -4.27
CA THR B 37 -1.47 -16.27 -3.33
C THR B 37 -0.53 -15.09 -3.58
N TRP B 38 -1.03 -13.91 -3.22
CA TRP B 38 -0.36 -12.63 -3.46
C TRP B 38 0.36 -12.27 -2.16
N VAL B 39 1.62 -12.69 -2.07
CA VAL B 39 2.34 -12.62 -0.81
C VAL B 39 3.48 -11.64 -0.82
N ALA B 40 3.84 -11.10 -1.98
CA ALA B 40 4.96 -10.20 -2.10
C ALA B 40 4.59 -9.10 -3.08
N GLY B 41 5.49 -8.16 -3.24
CA GLY B 41 5.23 -7.14 -4.22
C GLY B 41 6.38 -6.18 -4.31
N VAL B 42 6.13 -5.12 -5.07
N VAL B 42 6.20 -5.20 -5.18
CA VAL B 42 7.09 -4.06 -5.30
CA VAL B 42 7.09 -4.06 -5.23
C VAL B 42 6.34 -2.74 -5.21
C VAL B 42 6.27 -2.80 -5.06
N PHE B 43 6.82 -1.86 -4.33
CA PHE B 43 6.18 -0.60 -4.00
C PHE B 43 6.98 0.48 -4.71
N VAL B 44 6.35 1.17 -5.65
CA VAL B 44 7.03 2.02 -6.63
C VAL B 44 6.51 3.45 -6.43
N TYR B 45 7.42 4.42 -6.30
CA TYR B 45 6.96 5.75 -5.92
C TYR B 45 7.92 6.82 -6.42
N GLY B 46 7.47 8.07 -6.35
CA GLY B 46 8.32 9.18 -6.73
C GLY B 46 8.29 9.45 -8.22
N GLY B 47 9.38 10.02 -8.71
CA GLY B 47 9.43 10.45 -10.09
C GLY B 47 8.46 11.59 -10.30
N SER B 48 7.46 11.37 -11.15
CA SER B 48 6.37 12.29 -11.35
C SER B 48 5.14 11.44 -11.58
N LYS B 49 3.96 12.05 -11.49
CA LYS B 49 2.74 11.29 -11.68
C LYS B 49 2.73 10.64 -13.06
N THR B 50 3.11 11.39 -14.09
N THR B 50 3.09 11.40 -14.09
CA THR B 50 3.04 10.84 -15.45
CA THR B 50 3.05 10.86 -15.45
C THR B 50 4.10 9.78 -15.70
C THR B 50 4.09 9.78 -15.66
N SER B 51 5.31 9.98 -15.18
CA SER B 51 6.35 8.96 -15.39
C SER B 51 5.99 7.69 -14.66
N LEU B 52 5.41 7.80 -13.47
N LEU B 52 5.42 7.81 -13.46
CA LEU B 52 5.00 6.59 -12.76
CA LEU B 52 4.99 6.60 -12.74
C LEU B 52 3.88 5.88 -13.50
C LEU B 52 3.87 5.88 -13.47
N TYR B 53 2.90 6.65 -13.98
CA TYR B 53 1.82 6.06 -14.77
C TYR B 53 2.37 5.31 -15.97
N ASN B 54 3.31 5.92 -16.68
CA ASN B 54 3.89 5.27 -17.85
C ASN B 54 4.62 3.99 -17.46
N LEU B 55 5.36 4.02 -16.35
CA LEU B 55 6.01 2.80 -15.89
C LEU B 55 5.00 1.71 -15.54
N ARG B 56 3.91 2.09 -14.89
CA ARG B 56 2.85 1.15 -14.55
C ARG B 56 2.28 0.50 -15.79
N ARG B 57 2.03 1.29 -16.84
CA ARG B 57 1.51 0.71 -18.09
C ARG B 57 2.50 -0.27 -18.70
N GLY B 58 3.80 0.07 -18.67
CA GLY B 58 4.79 -0.82 -19.24
C GLY B 58 4.97 -2.08 -18.41
N THR B 59 4.80 -1.97 -17.10
CA THR B 59 4.89 -3.13 -16.22
C THR B 59 3.76 -4.11 -16.52
N ALA B 60 2.55 -3.59 -16.72
CA ALA B 60 1.42 -4.46 -17.02
C ALA B 60 1.67 -5.26 -18.29
N LEU B 61 2.31 -4.65 -19.28
CA LEU B 61 2.54 -5.35 -20.54
C LEU B 61 3.65 -6.38 -20.39
N ALA B 62 4.68 -6.05 -19.61
CA ALA B 62 5.84 -6.92 -19.50
C ALA B 62 5.59 -8.08 -18.56
N ILE B 63 4.61 -7.96 -17.67
CA ILE B 63 4.45 -8.96 -16.62
C ILE B 63 2.98 -9.33 -16.48
N PRO B 64 2.47 -10.22 -17.32
CA PRO B 64 1.08 -10.67 -17.18
C PRO B 64 0.79 -11.29 -15.83
N GLN B 65 1.81 -11.78 -15.13
CA GLN B 65 1.64 -12.51 -13.89
C GLN B 65 1.45 -11.61 -12.69
N CYS B 66 1.57 -10.31 -12.85
CA CYS B 66 1.43 -9.38 -11.72
C CYS B 66 0.04 -8.77 -11.73
N ARG B 67 -0.29 -8.09 -10.62
CA ARG B 67 -1.48 -7.26 -10.53
C ARG B 67 -1.05 -5.91 -9.98
N LEU B 68 -1.72 -4.84 -10.42
CA LEU B 68 -1.29 -3.49 -10.14
C LEU B 68 -2.41 -2.66 -9.52
N THR B 69 -2.07 -1.86 -8.53
CA THR B 69 -3.03 -0.86 -8.10
C THR B 69 -3.02 0.32 -9.06
N PRO B 70 -4.07 1.14 -9.05
CA PRO B 70 -3.95 2.48 -9.65
C PRO B 70 -2.87 3.27 -8.94
N LEU B 71 -2.46 4.39 -9.55
CA LEU B 71 -1.67 5.37 -8.81
C LEU B 71 -2.48 5.93 -7.66
N SER B 72 -1.79 6.25 -6.58
CA SER B 72 -2.39 6.98 -5.48
C SER B 72 -1.30 7.89 -4.92
N ARG B 73 -1.55 8.46 -3.76
N ARG B 73 -1.55 8.46 -3.76
CA ARG B 73 -0.67 9.50 -3.22
CA ARG B 73 -0.68 9.48 -3.20
C ARG B 73 -0.09 9.08 -1.88
C ARG B 73 -0.06 8.99 -1.91
N LEU B 74 1.18 9.44 -1.66
CA LEU B 74 1.81 9.17 -0.38
C LEU B 74 1.50 10.26 0.62
N PRO B 75 1.34 9.89 1.90
CA PRO B 75 1.36 10.87 2.98
C PRO B 75 2.78 11.37 3.22
N PHE B 76 2.87 12.39 4.08
CA PHE B 76 4.16 12.91 4.48
C PHE B 76 4.82 12.02 5.55
N GLY B 77 6.13 12.17 5.68
CA GLY B 77 6.89 11.50 6.71
C GLY B 77 7.00 12.36 7.95
N MET B 78 8.19 12.39 8.54
CA MET B 78 8.48 13.25 9.68
C MET B 78 8.90 14.64 9.20
N ALA B 79 8.47 15.65 9.91
CA ALA B 79 8.98 16.99 9.66
C ALA B 79 10.17 17.27 10.58
N PRO B 80 11.24 17.89 10.07
CA PRO B 80 12.34 18.27 10.95
C PRO B 80 11.96 19.46 11.82
N GLY B 81 12.72 19.63 12.90
CA GLY B 81 12.47 20.73 13.81
C GLY B 81 11.55 20.36 14.95
N PRO B 82 11.15 21.36 15.75
CA PRO B 82 10.37 21.08 16.96
C PRO B 82 8.88 20.93 16.73
N GLY B 83 8.42 20.85 15.49
CA GLY B 83 7.01 20.63 15.22
C GLY B 83 6.42 21.76 14.39
N PRO B 84 5.21 21.55 13.81
CA PRO B 84 4.30 20.41 14.05
C PRO B 84 4.51 19.28 13.11
N GLN B 85 4.17 18.07 13.52
CA GLN B 85 4.20 16.99 12.56
C GLN B 85 2.93 17.02 11.72
N PRO B 86 2.99 16.49 10.50
CA PRO B 86 1.77 16.41 9.68
C PRO B 86 0.78 15.41 10.27
N GLY B 87 -0.48 15.67 10.06
CA GLY B 87 -1.50 14.70 10.45
C GLY B 87 -1.41 13.47 9.57
N PRO B 88 -1.84 12.31 10.10
CA PRO B 88 -1.65 11.07 9.35
C PRO B 88 -2.32 11.04 7.99
N LEU B 89 -3.39 11.80 7.78
CA LEU B 89 -4.11 11.78 6.51
C LEU B 89 -3.57 12.73 5.46
N ARG B 90 -2.71 13.68 5.83
CA ARG B 90 -2.27 14.69 4.87
C ARG B 90 -1.62 14.00 3.68
N GLU B 91 -1.93 14.46 2.48
CA GLU B 91 -1.42 13.91 1.24
C GLU B 91 -0.38 14.83 0.63
N SER B 92 0.71 14.23 0.18
CA SER B 92 1.76 14.93 -0.55
C SER B 92 1.43 14.90 -2.05
N ILE B 93 2.31 15.50 -2.85
CA ILE B 93 2.19 15.43 -4.31
C ILE B 93 2.91 14.22 -4.88
N VAL B 94 3.55 13.42 -4.06
CA VAL B 94 4.30 12.27 -4.53
C VAL B 94 3.35 11.09 -4.66
N CYS B 95 3.42 10.39 -5.79
CA CYS B 95 2.53 9.30 -6.08
C CYS B 95 3.23 7.96 -5.87
N TYR B 96 2.42 6.90 -5.84
CA TYR B 96 2.91 5.53 -5.76
C TYR B 96 1.96 4.59 -6.49
N PHE B 97 2.45 3.39 -6.78
CA PHE B 97 1.59 2.27 -7.06
C PHE B 97 2.23 1.01 -6.51
N MET B 98 1.39 0.00 -6.27
N MET B 98 1.41 -0.01 -6.35
CA MET B 98 1.82 -1.31 -5.79
CA MET B 98 1.89 -1.28 -5.86
C MET B 98 1.70 -2.36 -6.90
C MET B 98 1.71 -2.36 -6.91
N VAL B 99 2.72 -3.22 -6.98
CA VAL B 99 2.70 -4.42 -7.83
C VAL B 99 2.57 -5.61 -6.88
N PHE B 100 1.52 -6.41 -7.05
CA PHE B 100 1.33 -7.64 -6.28
C PHE B 100 1.92 -8.80 -7.06
N LEU B 101 2.63 -9.68 -6.36
CA LEU B 101 3.30 -10.83 -6.95
C LEU B 101 3.12 -12.07 -6.09
N GLN B 102 3.24 -13.22 -6.73
CA GLN B 102 3.08 -14.49 -6.05
C GLN B 102 4.37 -15.03 -5.45
N THR B 103 5.53 -14.49 -5.81
CA THR B 103 6.79 -14.94 -5.22
C THR B 103 7.68 -13.76 -4.83
N HIS B 104 8.31 -13.89 -3.68
CA HIS B 104 9.29 -12.92 -3.24
C HIS B 104 10.52 -12.92 -4.13
N ILE B 105 10.91 -14.09 -4.62
CA ILE B 105 12.11 -14.18 -5.45
C ILE B 105 11.92 -13.33 -6.70
N PHE B 106 10.73 -13.37 -7.29
CA PHE B 106 10.49 -12.52 -8.46
C PHE B 106 10.34 -11.04 -8.08
N ALA B 107 9.75 -10.73 -6.91
CA ALA B 107 9.73 -9.36 -6.42
C ALA B 107 11.14 -8.76 -6.39
N GLU B 108 12.11 -9.53 -5.90
N GLU B 108 12.11 -9.53 -5.90
CA GLU B 108 13.48 -9.03 -5.86
CA GLU B 108 13.48 -9.03 -5.86
C GLU B 108 14.02 -8.76 -7.27
C GLU B 108 14.00 -8.75 -7.27
N VAL B 109 13.72 -9.65 -8.22
CA VAL B 109 14.17 -9.48 -9.60
C VAL B 109 13.53 -8.26 -10.22
N LEU B 110 12.24 -8.07 -10.00
CA LEU B 110 11.55 -6.91 -10.54
C LEU B 110 12.07 -5.60 -9.94
N LYS B 111 12.30 -5.57 -8.62
CA LYS B 111 12.90 -4.38 -8.01
C LYS B 111 14.21 -4.03 -8.68
N ASP B 112 15.08 -5.02 -8.86
CA ASP B 112 16.36 -4.79 -9.51
C ASP B 112 16.15 -4.27 -10.94
N ALA B 113 15.19 -4.85 -11.67
CA ALA B 113 14.96 -4.44 -13.06
C ALA B 113 14.45 -3.01 -13.16
N ILE B 114 13.52 -2.64 -12.28
CA ILE B 114 13.03 -1.26 -12.30
C ILE B 114 14.15 -0.30 -12.00
N LYS B 115 14.95 -0.60 -10.99
CA LYS B 115 16.06 0.28 -10.65
C LYS B 115 17.00 0.45 -11.83
N ASP B 116 17.33 -0.67 -12.49
CA ASP B 116 18.25 -0.62 -13.63
C ASP B 116 17.65 0.13 -14.80
N LEU B 117 16.34 0.00 -15.00
CA LEU B 117 15.71 0.65 -16.15
C LEU B 117 15.63 2.15 -15.95
N VAL B 118 15.16 2.60 -14.79
CA VAL B 118 14.91 4.03 -14.63
C VAL B 118 16.21 4.84 -14.57
N MET B 119 17.32 4.24 -14.14
N MET B 119 17.32 4.23 -14.14
CA MET B 119 18.55 5.00 -14.00
CA MET B 119 18.55 5.01 -14.00
C MET B 119 19.12 5.41 -15.34
C MET B 119 19.12 5.42 -15.34
N THR B 120 18.65 4.84 -16.45
CA THR B 120 19.11 5.20 -17.78
C THR B 120 18.28 6.32 -18.41
N LYS B 121 17.32 6.88 -17.67
CA LYS B 121 16.40 7.85 -18.23
C LYS B 121 16.62 9.21 -17.57
N PRO B 122 16.27 10.31 -18.25
CA PRO B 122 16.38 11.63 -17.61
C PRO B 122 15.32 11.83 -16.54
N ALA B 123 15.58 12.82 -15.68
CA ALA B 123 14.61 13.23 -14.70
C ALA B 123 13.33 13.63 -15.41
N PRO B 124 12.15 13.36 -14.81
CA PRO B 124 12.02 12.84 -13.46
C PRO B 124 12.00 11.31 -13.34
N THR B 125 12.06 10.60 -14.47
CA THR B 125 11.94 9.15 -14.43
C THR B 125 13.01 8.52 -13.57
N CYS B 126 14.25 9.02 -13.65
CA CYS B 126 15.33 8.44 -12.85
C CYS B 126 15.13 8.63 -11.35
N ASN B 127 14.16 9.44 -10.93
CA ASN B 127 13.90 9.67 -9.52
C ASN B 127 12.85 8.73 -8.96
N ILE B 128 12.33 7.83 -9.79
CA ILE B 128 11.43 6.80 -9.31
C ILE B 128 12.21 5.88 -8.39
N ARG B 129 11.57 5.53 -7.29
N ARG B 129 11.60 5.52 -7.28
CA ARG B 129 12.11 4.64 -6.28
CA ARG B 129 12.22 4.60 -6.35
C ARG B 129 11.29 3.35 -6.18
C ARG B 129 11.31 3.40 -6.10
N VAL B 130 11.92 2.31 -5.67
CA VAL B 130 11.24 1.04 -5.54
C VAL B 130 11.82 0.25 -4.38
N THR B 131 10.92 -0.38 -3.63
CA THR B 131 11.30 -1.35 -2.61
C THR B 131 10.45 -2.59 -2.73
N VAL B 132 11.06 -3.73 -2.46
CA VAL B 132 10.30 -4.94 -2.26
C VAL B 132 9.44 -4.78 -1.02
N CYS B 133 8.24 -5.36 -1.08
N CYS B 133 8.26 -5.39 -1.04
CA CYS B 133 7.29 -5.42 0.00
CA CYS B 133 7.44 -5.46 0.14
C CYS B 133 6.87 -6.86 0.21
C CYS B 133 6.88 -6.87 0.25
N SER B 134 6.45 -7.18 1.43
N SER B 134 6.54 -7.23 1.48
CA SER B 134 5.93 -8.51 1.72
CA SER B 134 5.95 -8.52 1.79
C SER B 134 4.72 -8.39 2.63
C SER B 134 4.66 -8.32 2.56
N PHE B 135 3.75 -9.27 2.40
CA PHE B 135 2.46 -9.26 3.10
C PHE B 135 2.38 -10.52 3.96
N ASP B 136 2.38 -10.34 5.29
CA ASP B 136 2.52 -11.48 6.20
C ASP B 136 1.48 -12.55 5.90
N ASP B 137 0.22 -12.15 5.70
CA ASP B 137 -0.87 -13.08 5.50
C ASP B 137 -1.37 -13.11 4.07
N GLY B 138 -0.64 -12.48 3.16
CA GLY B 138 -1.08 -12.35 1.78
C GLY B 138 -2.18 -11.32 1.64
N VAL B 139 -2.48 -10.94 0.41
CA VAL B 139 -3.64 -10.10 0.09
C VAL B 139 -4.59 -10.90 -0.76
N ASP B 140 -5.83 -11.05 -0.30
CA ASP B 140 -6.84 -11.84 -1.02
C ASP B 140 -7.48 -10.93 -2.07
N LEU B 141 -6.75 -10.74 -3.18
CA LEU B 141 -7.27 -9.94 -4.28
C LEU B 141 -8.55 -10.56 -4.81
N PRO B 142 -9.56 -9.75 -5.17
CA PRO B 142 -10.89 -10.30 -5.42
C PRO B 142 -11.10 -11.03 -6.74
#